data_3NS6
#
_entry.id   3NS6
#
_cell.length_a   43.713
_cell.length_b   51.752
_cell.length_c   77.095
_cell.angle_alpha   90.000
_cell.angle_beta   90.000
_cell.angle_gamma   90.000
#
_symmetry.space_group_name_H-M   'P 21 21 21'
#
loop_
_entity.id
_entity.type
_entity.pdbx_description
1 polymer 'Eukaryotic translation initiation factor 3 subunit B'
2 non-polymer 'SULFATE ION'
3 water water
#
_entity_poly.entity_id   1
_entity_poly.type   'polypeptide(L)'
_entity_poly.pdbx_seq_one_letter_code
;GPLGSDQYIVVNGAPVIPSAKVPVLKKALTSLFSKAGKVVNMEFPIDEATGKTKGFLFVECGSMNDAKKIIKSFHGKRLD
LKHRLFLYTMKDVERYNSDD
;
_entity_poly.pdbx_strand_id   A,B
#
loop_
_chem_comp.id
_chem_comp.type
_chem_comp.name
_chem_comp.formula
SO4 non-polymer 'SULFATE ION' 'O4 S -2'
#
# COMPACT_ATOMS: atom_id res chain seq x y z
N GLY A 1 13.83 -0.70 -6.89
CA GLY A 1 14.44 -1.67 -7.79
C GLY A 1 15.02 -0.98 -8.98
N PRO A 2 15.69 -1.75 -9.82
CA PRO A 2 16.41 -1.18 -10.96
C PRO A 2 15.63 -0.98 -12.25
N LEU A 3 14.36 -1.36 -12.28
CA LEU A 3 13.59 -1.20 -13.49
C LEU A 3 12.81 0.13 -13.42
N GLY A 4 11.95 0.41 -14.40
CA GLY A 4 11.25 1.70 -14.42
C GLY A 4 10.28 1.79 -13.24
N SER A 5 10.10 3.01 -12.71
CA SER A 5 9.22 3.21 -11.56
C SER A 5 7.80 2.67 -11.73
N ASP A 6 7.26 2.80 -12.92
CA ASP A 6 5.89 2.34 -13.13
C ASP A 6 5.75 0.84 -13.40
N GLN A 7 6.83 0.08 -13.23
CA GLN A 7 6.73 -1.38 -13.35
C GLN A 7 6.61 -2.08 -12.01
N TYR A 8 6.53 -1.30 -10.94
CA TYR A 8 6.40 -1.86 -9.59
C TYR A 8 4.99 -1.67 -9.06
N ILE A 9 4.51 -2.68 -8.34
N ILE A 9 4.50 -2.68 -8.36
CA ILE A 9 3.16 -2.69 -7.78
CA ILE A 9 3.15 -2.67 -7.77
C ILE A 9 3.22 -3.02 -6.30
C ILE A 9 3.24 -2.99 -6.30
N VAL A 10 2.38 -2.35 -5.52
CA VAL A 10 2.14 -2.75 -4.13
C VAL A 10 0.84 -3.53 -4.05
N VAL A 11 0.88 -4.74 -3.47
CA VAL A 11 -0.31 -5.54 -3.27
C VAL A 11 -0.61 -5.57 -1.78
N ASN A 12 -1.81 -5.21 -1.38
CA ASN A 12 -2.30 -5.13 0.01
CA ASN A 12 -2.16 -5.36 0.02
C ASN A 12 -3.38 -6.22 0.20
N GLY A 13 -3.55 -6.67 1.45
CA GLY A 13 -4.64 -7.55 1.79
C GLY A 13 -4.31 -9.02 1.69
N ALA A 14 -3.02 -9.35 1.48
CA ALA A 14 -2.59 -10.76 1.37
C ALA A 14 -2.48 -11.40 2.76
N PRO A 15 -2.36 -12.73 2.82
CA PRO A 15 -2.38 -13.42 4.11
C PRO A 15 -1.24 -13.02 5.06
N VAL A 16 -1.57 -12.98 6.34
CA VAL A 16 -0.63 -12.81 7.44
C VAL A 16 -0.33 -14.21 7.97
N ILE A 17 0.84 -14.73 7.64
CA ILE A 17 1.21 -16.10 7.93
C ILE A 17 2.66 -16.19 8.39
N PRO A 18 3.04 -17.29 9.05
CA PRO A 18 4.46 -17.47 9.36
C PRO A 18 5.26 -17.36 8.07
N SER A 19 6.38 -16.65 8.09
CA SER A 19 7.15 -16.46 6.88
C SER A 19 7.83 -17.73 6.37
N ALA A 20 7.85 -18.79 7.17
CA ALA A 20 8.23 -20.11 6.66
C ALA A 20 7.36 -20.52 5.47
N LYS A 21 6.16 -19.96 5.40
CA LYS A 21 5.21 -20.29 4.34
C LYS A 21 5.31 -19.36 3.13
N VAL A 22 6.22 -18.40 3.14
CA VAL A 22 6.34 -17.44 2.02
C VAL A 22 6.61 -18.13 0.68
N PRO A 23 7.49 -19.13 0.62
CA PRO A 23 7.73 -19.67 -0.73
C PRO A 23 6.46 -20.22 -1.37
N VAL A 24 5.60 -20.82 -0.57
CA VAL A 24 4.33 -21.34 -1.09
C VAL A 24 3.41 -20.21 -1.55
N LEU A 25 3.25 -19.19 -0.71
CA LEU A 25 2.42 -18.06 -1.08
C LEU A 25 3.00 -17.31 -2.27
N LYS A 26 4.32 -17.18 -2.30
CA LYS A 26 4.99 -16.47 -3.39
C LYS A 26 4.74 -17.17 -4.73
N LYS A 27 4.90 -18.48 -4.77
N LYS A 27 4.90 -18.48 -4.77
CA LYS A 27 4.65 -19.20 -6.02
CA LYS A 27 4.65 -19.20 -6.00
C LYS A 27 3.18 -19.17 -6.38
C LYS A 27 3.17 -19.15 -6.38
N ALA A 28 2.29 -19.22 -5.39
CA ALA A 28 0.87 -19.17 -5.68
C ALA A 28 0.49 -17.82 -6.28
N LEU A 29 0.94 -16.72 -5.67
CA LEU A 29 0.61 -15.39 -6.19
C LEU A 29 1.32 -15.13 -7.50
N THR A 30 2.57 -15.59 -7.64
CA THR A 30 3.30 -15.40 -8.90
C THR A 30 2.59 -16.16 -10.03
N SER A 31 2.14 -17.38 -9.75
CA SER A 31 1.40 -18.16 -10.74
C SER A 31 0.11 -17.45 -11.13
N LEU A 32 -0.64 -16.93 -10.16
CA LEU A 32 -1.87 -16.23 -10.49
C LEU A 32 -1.59 -14.96 -11.30
N PHE A 33 -0.67 -14.13 -10.84
CA PHE A 33 -0.44 -12.85 -11.51
C PHE A 33 0.11 -13.05 -12.91
N SER A 34 0.90 -14.11 -13.10
CA SER A 34 1.49 -14.43 -14.40
C SER A 34 0.46 -14.62 -15.49
N LYS A 35 -0.78 -14.95 -15.12
CA LYS A 35 -1.83 -15.08 -16.11
C LYS A 35 -2.13 -13.76 -16.79
N ALA A 36 -1.86 -12.63 -16.09
CA ALA A 36 -2.12 -11.29 -16.64
C ALA A 36 -0.88 -10.58 -17.17
N GLY A 37 0.27 -10.79 -16.54
CA GLY A 37 1.47 -10.07 -16.93
C GLY A 37 2.71 -10.71 -16.35
N LYS A 38 3.86 -10.31 -16.86
CA LYS A 38 5.12 -10.89 -16.41
C LYS A 38 5.55 -10.37 -15.05
N VAL A 39 5.80 -11.31 -14.14
CA VAL A 39 6.36 -11.03 -12.84
C VAL A 39 7.85 -11.36 -12.87
N VAL A 40 8.68 -10.38 -12.56
CA VAL A 40 10.12 -10.55 -12.48
C VAL A 40 10.56 -10.92 -11.06
N ASN A 41 10.00 -10.25 -10.05
CA ASN A 41 10.35 -10.55 -8.66
C ASN A 41 9.18 -10.20 -7.76
N MET A 42 9.14 -10.81 -6.57
CA MET A 42 8.11 -10.52 -5.60
C MET A 42 8.75 -10.59 -4.22
N GLU A 43 8.45 -9.62 -3.35
CA GLU A 43 9.04 -9.56 -2.02
C GLU A 43 8.00 -9.26 -0.94
N PHE A 44 8.06 -10.01 0.17
CA PHE A 44 7.12 -9.86 1.29
C PHE A 44 7.82 -9.28 2.52
N PRO A 45 7.51 -8.03 2.91
CA PRO A 45 8.03 -7.54 4.20
C PRO A 45 7.55 -8.43 5.37
N ILE A 46 8.46 -8.67 6.32
CA ILE A 46 8.20 -9.54 7.47
C ILE A 46 8.28 -8.75 8.78
N ASP A 47 7.36 -9.02 9.69
CA ASP A 47 7.44 -8.46 11.05
C ASP A 47 8.49 -9.28 11.80
N GLU A 48 9.60 -8.64 12.14
CA GLU A 48 10.71 -9.38 12.72
C GLU A 48 10.37 -10.05 14.05
N ALA A 49 9.57 -9.38 14.87
CA ALA A 49 9.27 -9.88 16.20
C ALA A 49 8.51 -11.21 16.17
N THR A 50 7.56 -11.34 15.25
CA THR A 50 6.71 -12.53 15.17
C THR A 50 7.11 -13.49 14.06
N GLY A 51 7.95 -13.01 13.13
CA GLY A 51 8.30 -13.80 11.96
C GLY A 51 7.18 -13.96 10.94
N LYS A 52 6.10 -13.19 11.08
CA LYS A 52 4.97 -13.24 10.16
C LYS A 52 5.09 -12.25 8.99
N THR A 53 4.46 -12.61 7.87
CA THR A 53 4.24 -11.61 6.83
C THR A 53 3.35 -10.48 7.36
N LYS A 54 3.50 -9.31 6.78
CA LYS A 54 2.68 -8.18 7.16
C LYS A 54 1.40 -8.08 6.34
N GLY A 55 1.29 -8.84 5.27
CA GLY A 55 0.08 -8.88 4.48
C GLY A 55 0.14 -8.02 3.22
N PHE A 56 1.27 -7.36 2.97
CA PHE A 56 1.46 -6.65 1.70
C PHE A 56 2.78 -7.11 1.08
N LEU A 57 2.92 -6.81 -0.20
CA LEU A 57 4.10 -7.26 -0.92
C LEU A 57 4.39 -6.29 -2.05
N PHE A 58 5.64 -6.31 -2.51
CA PHE A 58 6.08 -5.46 -3.60
C PHE A 58 6.42 -6.34 -4.77
N VAL A 59 5.87 -6.02 -5.95
CA VAL A 59 6.06 -6.84 -7.14
C VAL A 59 6.72 -6.03 -8.25
N GLU A 60 7.80 -6.60 -8.79
CA GLU A 60 8.50 -6.03 -9.92
C GLU A 60 8.02 -6.74 -11.17
N CYS A 61 7.45 -5.98 -12.10
CA CYS A 61 6.88 -6.56 -13.32
C CYS A 61 7.78 -6.33 -14.55
N GLY A 62 7.49 -7.04 -15.63
CA GLY A 62 8.35 -7.02 -16.82
C GLY A 62 8.29 -5.75 -17.64
N SER A 63 7.28 -4.91 -17.41
CA SER A 63 7.09 -3.66 -18.14
C SER A 63 5.96 -2.89 -17.44
N MET A 64 5.82 -1.61 -17.79
N MET A 64 5.82 -1.62 -17.80
CA MET A 64 4.68 -0.85 -17.32
CA MET A 64 4.69 -0.85 -17.31
C MET A 64 3.36 -1.51 -17.73
C MET A 64 3.36 -1.50 -17.74
N ASN A 65 3.30 -1.98 -18.97
CA ASN A 65 2.07 -2.61 -19.44
C ASN A 65 1.73 -3.86 -18.64
N ASP A 66 2.74 -4.67 -18.30
CA ASP A 66 2.53 -5.85 -17.48
C ASP A 66 1.95 -5.44 -16.13
N ALA A 67 2.53 -4.41 -15.51
CA ALA A 67 2.02 -3.91 -14.22
C ALA A 67 0.56 -3.48 -14.34
N LYS A 68 0.26 -2.71 -15.36
CA LYS A 68 -1.11 -2.23 -15.55
C LYS A 68 -2.09 -3.39 -15.72
N LYS A 69 -1.69 -4.42 -16.47
CA LYS A 69 -2.59 -5.55 -16.70
C LYS A 69 -2.83 -6.35 -15.41
N ILE A 70 -1.77 -6.52 -14.63
CA ILE A 70 -1.89 -7.18 -13.34
C ILE A 70 -2.84 -6.40 -12.38
N ILE A 71 -2.63 -5.09 -12.29
CA ILE A 71 -3.51 -4.28 -11.44
C ILE A 71 -4.96 -4.44 -11.92
N LYS A 72 -5.19 -4.32 -13.21
N LYS A 72 -5.18 -4.33 -13.21
CA LYS A 72 -6.55 -4.40 -13.73
CA LYS A 72 -6.54 -4.40 -13.73
C LYS A 72 -7.20 -5.74 -13.43
C LYS A 72 -7.19 -5.74 -13.41
N SER A 73 -6.46 -6.84 -13.60
CA SER A 73 -7.02 -8.15 -13.37
C SER A 73 -7.33 -8.47 -11.90
N PHE A 74 -6.52 -7.95 -10.98
CA PHE A 74 -6.57 -8.42 -9.60
C PHE A 74 -7.04 -7.41 -8.58
N HIS A 75 -7.03 -6.13 -8.92
CA HIS A 75 -7.38 -5.10 -7.93
C HIS A 75 -8.83 -5.27 -7.45
N GLY A 76 -9.01 -5.34 -6.12
CA GLY A 76 -10.33 -5.43 -5.52
C GLY A 76 -10.93 -6.82 -5.51
N LYS A 77 -10.19 -7.84 -6.00
CA LYS A 77 -10.70 -9.19 -6.12
C LYS A 77 -10.39 -10.03 -4.88
N ARG A 78 -11.33 -10.93 -4.54
CA ARG A 78 -11.08 -11.88 -3.46
C ARG A 78 -9.99 -12.86 -3.86
N LEU A 79 -9.00 -13.03 -2.98
CA LEU A 79 -8.01 -14.09 -3.16
C LEU A 79 -8.66 -15.42 -2.74
N ASP A 80 -9.37 -15.37 -1.63
CA ASP A 80 -10.12 -16.51 -1.07
C ASP A 80 -11.26 -15.93 -0.21
N LEU A 81 -11.94 -16.75 0.59
CA LEU A 81 -13.06 -16.24 1.39
C LEU A 81 -12.69 -15.35 2.59
N LYS A 82 -11.39 -15.24 2.88
N LYS A 82 -11.39 -15.20 2.85
CA LYS A 82 -10.91 -14.39 3.97
CA LYS A 82 -10.91 -14.39 3.97
C LYS A 82 -10.16 -13.13 3.52
C LYS A 82 -10.11 -13.16 3.54
N HIS A 83 -9.61 -13.14 2.31
CA HIS A 83 -8.72 -12.08 1.86
C HIS A 83 -9.16 -11.49 0.56
N ARG A 84 -9.05 -10.17 0.45
CA ARG A 84 -9.31 -9.45 -0.79
C ARG A 84 -8.11 -8.55 -1.05
N LEU A 85 -7.64 -8.53 -2.29
CA LEU A 85 -6.41 -7.83 -2.64
C LEU A 85 -6.68 -6.45 -3.22
N PHE A 86 -5.77 -5.51 -2.94
CA PHE A 86 -5.83 -4.13 -3.44
C PHE A 86 -4.45 -3.78 -3.96
N LEU A 87 -4.37 -3.45 -5.25
CA LEU A 87 -3.12 -3.28 -5.98
C LEU A 87 -2.98 -1.86 -6.50
N TYR A 88 -1.78 -1.29 -6.35
CA TYR A 88 -1.53 0.07 -6.78
C TYR A 88 -0.15 0.16 -7.41
N THR A 89 0.03 1.09 -8.35
CA THR A 89 1.37 1.37 -8.86
C THR A 89 2.22 1.97 -7.74
N MET A 90 3.45 1.54 -7.65
CA MET A 90 4.32 1.94 -6.57
C MET A 90 5.06 3.26 -6.79
N LYS A 91 5.02 3.79 -8.01
CA LYS A 91 5.84 4.95 -8.37
C LYS A 91 5.77 6.09 -7.34
N ASP A 92 4.56 6.51 -6.97
CA ASP A 92 4.46 7.69 -6.09
C ASP A 92 5.01 7.39 -4.69
N VAL A 93 4.89 6.14 -4.26
CA VAL A 93 5.42 5.70 -2.99
C VAL A 93 6.94 5.68 -3.05
N GLU A 94 7.51 5.14 -4.12
CA GLU A 94 8.96 5.21 -4.36
C GLU A 94 9.46 6.66 -4.29
N ARG A 95 8.80 7.56 -5.01
CA ARG A 95 9.22 8.97 -5.04
C ARG A 95 8.96 9.70 -3.71
N TYR A 96 7.94 9.31 -2.96
CA TYR A 96 7.68 9.94 -1.66
C TYR A 96 8.88 9.62 -0.78
N ASN A 97 9.43 8.43 -0.98
CA ASN A 97 10.62 8.01 -0.27
C ASN A 97 11.87 8.77 -0.73
N SER A 98 11.99 9.05 -2.04
CA SER A 98 13.20 9.62 -2.61
C SER A 98 13.19 11.11 -3.01
N ASP A 99 12.00 11.69 -3.26
CA ASP A 99 11.93 13.10 -3.65
C ASP A 99 12.52 13.93 -2.51
N GLY B 1 13.79 15.98 3.96
CA GLY B 1 13.19 14.80 4.54
C GLY B 1 13.99 14.33 5.74
N PRO B 2 14.21 15.22 6.72
CA PRO B 2 15.01 14.83 7.88
C PRO B 2 14.27 14.00 8.92
N LEU B 3 12.95 13.89 8.78
CA LEU B 3 12.16 13.12 9.73
C LEU B 3 12.15 11.62 9.37
N GLY B 4 12.15 10.75 10.39
CA GLY B 4 12.21 9.31 10.20
C GLY B 4 11.05 8.77 9.37
N SER B 5 11.38 7.85 8.47
N SER B 5 11.39 7.85 8.47
CA SER B 5 10.37 7.26 7.59
CA SER B 5 10.41 7.22 7.59
C SER B 5 9.30 6.53 8.37
C SER B 5 9.31 6.53 8.37
N ASP B 6 9.63 6.07 9.58
CA ASP B 6 8.63 5.41 10.42
C ASP B 6 7.57 6.33 11.01
N GLN B 7 7.61 7.63 10.74
CA GLN B 7 6.51 8.51 11.17
C GLN B 7 5.52 8.76 10.05
N TYR B 8 5.81 8.20 8.89
CA TYR B 8 4.97 8.36 7.72
C TYR B 8 4.28 7.05 7.36
N ILE B 9 2.98 7.12 7.09
CA ILE B 9 2.13 5.96 6.81
C ILE B 9 1.65 6.07 5.37
N VAL B 10 1.59 4.94 4.67
CA VAL B 10 0.86 4.86 3.43
C VAL B 10 -0.47 4.21 3.75
N VAL B 11 -1.55 4.85 3.32
CA VAL B 11 -2.90 4.29 3.48
C VAL B 11 -3.37 3.82 2.10
N ASN B 12 -3.83 2.57 2.04
CA ASN B 12 -4.32 1.93 0.82
C ASN B 12 -5.76 1.54 1.02
N GLY B 13 -6.48 1.37 -0.08
CA GLY B 13 -7.89 1.02 -0.02
C GLY B 13 -8.80 2.23 0.09
N ALA B 14 -8.25 3.44 -0.11
CA ALA B 14 -9.06 4.65 0.03
C ALA B 14 -9.90 4.90 -1.22
N PRO B 15 -10.93 5.75 -1.08
CA PRO B 15 -11.81 6.01 -2.23
C PRO B 15 -11.11 6.69 -3.39
N VAL B 16 -11.57 6.35 -4.59
CA VAL B 16 -11.18 6.97 -5.84
C VAL B 16 -12.29 7.95 -6.18
N ILE B 17 -12.01 9.24 -5.99
CA ILE B 17 -13.03 10.29 -6.04
C ILE B 17 -12.42 11.49 -6.75
N PRO B 18 -13.28 12.38 -7.29
CA PRO B 18 -12.72 13.59 -7.95
C PRO B 18 -11.87 14.44 -6.99
N SER B 19 -10.84 15.13 -7.54
CA SER B 19 -9.95 15.93 -6.72
CA SER B 19 -9.94 16.00 -6.78
C SER B 19 -10.67 16.99 -5.88
N ALA B 20 -11.80 17.51 -6.36
CA ALA B 20 -12.57 18.49 -5.60
C ALA B 20 -13.05 17.96 -4.23
N LYS B 21 -13.16 16.66 -4.10
CA LYS B 21 -13.64 16.06 -2.86
C LYS B 21 -12.51 15.69 -1.92
N VAL B 22 -11.26 15.95 -2.29
CA VAL B 22 -10.16 15.65 -1.40
C VAL B 22 -10.33 16.29 0.01
N PRO B 23 -10.72 17.58 0.12
CA PRO B 23 -10.86 18.12 1.48
C PRO B 23 -11.87 17.34 2.35
N VAL B 24 -12.95 16.84 1.76
CA VAL B 24 -13.91 16.03 2.50
C VAL B 24 -13.28 14.72 2.97
N LEU B 25 -12.58 14.04 2.06
CA LEU B 25 -11.93 12.79 2.39
C LEU B 25 -10.83 13.01 3.42
N LYS B 26 -10.09 14.11 3.28
CA LYS B 26 -9.01 14.40 4.20
C LYS B 26 -9.55 14.60 5.62
N LYS B 27 -10.63 15.35 5.76
CA LYS B 27 -11.21 15.56 7.09
C LYS B 27 -11.74 14.25 7.67
N ALA B 28 -12.36 13.41 6.82
CA ALA B 28 -12.86 12.14 7.33
C ALA B 28 -11.72 11.26 7.86
N LEU B 29 -10.68 11.10 7.05
CA LEU B 29 -9.55 10.28 7.45
C LEU B 29 -8.82 10.87 8.63
N THR B 30 -8.67 12.20 8.66
CA THR B 30 -7.96 12.81 9.78
C THR B 30 -8.75 12.63 11.06
N SER B 31 -10.07 12.84 10.98
CA SER B 31 -10.92 12.62 12.15
C SER B 31 -10.80 11.19 12.67
N LEU B 32 -10.81 10.22 11.76
CA LEU B 32 -10.71 8.81 12.14
C LEU B 32 -9.39 8.54 12.85
N PHE B 33 -8.29 8.87 12.16
CA PHE B 33 -6.99 8.49 12.70
C PHE B 33 -6.66 9.26 13.99
N SER B 34 -7.20 10.48 14.14
CA SER B 34 -6.94 11.30 15.33
C SER B 34 -7.38 10.64 16.62
N LYS B 35 -8.29 9.68 16.51
CA LYS B 35 -8.73 8.94 17.68
C LYS B 35 -7.60 8.09 18.27
N ALA B 36 -6.62 7.72 17.45
CA ALA B 36 -5.51 6.89 17.90
C ALA B 36 -4.20 7.66 18.05
N GLY B 37 -3.95 8.69 17.25
CA GLY B 37 -2.67 9.39 17.33
C GLY B 37 -2.71 10.70 16.58
N LYS B 38 -1.69 11.52 16.78
CA LYS B 38 -1.62 12.84 16.19
C LYS B 38 -1.35 12.75 14.69
N VAL B 39 -2.24 13.34 13.91
CA VAL B 39 -2.05 13.49 12.47
C VAL B 39 -1.53 14.91 12.18
N VAL B 40 -0.38 15.01 11.53
CA VAL B 40 0.19 16.30 11.17
C VAL B 40 -0.28 16.75 9.80
N ASN B 41 -0.25 15.86 8.81
CA ASN B 41 -0.61 16.25 7.47
C ASN B 41 -0.94 15.02 6.65
N MET B 42 -1.69 15.22 5.58
CA MET B 42 -2.01 14.14 4.65
C MET B 42 -1.85 14.66 3.24
N GLU B 43 -1.36 13.80 2.35
N GLU B 43 -1.41 13.79 2.35
CA GLU B 43 -1.19 14.14 0.94
CA GLU B 43 -1.19 14.15 0.95
C GLU B 43 -1.89 13.09 0.08
C GLU B 43 -1.83 13.10 0.04
N PHE B 44 -2.66 13.56 -0.90
CA PHE B 44 -3.41 12.67 -1.80
C PHE B 44 -2.94 12.77 -3.25
N PRO B 45 -2.26 11.73 -3.75
CA PRO B 45 -1.92 11.70 -5.18
C PRO B 45 -3.17 11.76 -6.04
N ILE B 46 -3.05 12.42 -7.18
CA ILE B 46 -4.14 12.59 -8.14
C ILE B 46 -3.69 12.08 -9.49
N ASP B 47 -4.51 11.22 -10.12
CA ASP B 47 -4.21 10.78 -11.47
C ASP B 47 -4.51 11.90 -12.46
N GLU B 48 -3.50 12.28 -13.26
CA GLU B 48 -3.66 13.40 -14.18
C GLU B 48 -4.77 13.18 -15.22
N ALA B 49 -4.81 12.00 -15.84
CA ALA B 49 -5.74 11.82 -16.96
C ALA B 49 -7.18 11.87 -16.50
N THR B 50 -7.51 11.35 -15.30
CA THR B 50 -8.88 11.25 -14.83
C THR B 50 -9.24 12.29 -13.79
N GLY B 51 -8.27 12.96 -13.20
CA GLY B 51 -8.58 13.94 -12.16
C GLY B 51 -9.08 13.34 -10.86
N LYS B 52 -8.83 12.07 -10.64
N LYS B 52 -8.84 12.06 -10.63
CA LYS B 52 -9.30 11.38 -9.43
CA LYS B 52 -9.31 11.39 -9.42
C LYS B 52 -8.17 11.00 -8.49
C LYS B 52 -8.18 11.00 -8.49
N THR B 53 -8.49 10.83 -7.21
CA THR B 53 -7.53 10.25 -6.30
C THR B 53 -7.14 8.83 -6.76
N LYS B 54 -6.01 8.34 -6.27
CA LYS B 54 -5.43 7.09 -6.74
C LYS B 54 -5.79 5.86 -5.94
N GLY B 55 -6.41 6.04 -4.78
CA GLY B 55 -6.77 4.95 -3.89
C GLY B 55 -5.77 4.71 -2.78
N PHE B 56 -4.69 5.50 -2.77
CA PHE B 56 -3.73 5.43 -1.68
C PHE B 56 -3.32 6.88 -1.41
N LEU B 57 -2.74 7.10 -0.23
CA LEU B 57 -2.33 8.43 0.18
C LEU B 57 -1.25 8.32 1.25
N PHE B 58 -0.72 9.48 1.66
CA PHE B 58 0.39 9.53 2.62
C PHE B 58 -0.04 10.32 3.85
N VAL B 59 0.37 9.85 5.02
CA VAL B 59 0.04 10.53 6.28
C VAL B 59 1.30 10.74 7.10
N GLU B 60 1.56 12.00 7.45
CA GLU B 60 2.63 12.33 8.37
C GLU B 60 2.03 12.37 9.76
N CYS B 61 2.54 11.53 10.65
CA CYS B 61 2.05 11.47 12.01
C CYS B 61 2.96 12.26 12.94
N GLY B 62 2.49 12.48 14.18
CA GLY B 62 3.24 13.29 15.13
C GLY B 62 4.52 12.66 15.67
N SER B 63 4.64 11.35 15.54
CA SER B 63 5.76 10.62 16.13
C SER B 63 5.68 9.18 15.62
N MET B 64 6.78 8.44 15.81
N MET B 64 6.76 8.44 15.80
CA MET B 64 6.82 7.03 15.50
CA MET B 64 6.75 7.05 15.41
C MET B 64 5.72 6.29 16.23
C MET B 64 5.72 6.26 16.22
N ASN B 65 5.56 6.58 17.51
N ASN B 65 5.54 6.62 17.48
CA ASN B 65 4.54 5.90 18.30
CA ASN B 65 4.56 5.93 18.30
C ASN B 65 3.13 6.20 17.80
C ASN B 65 3.13 6.20 17.81
N ASP B 66 2.86 7.45 17.43
CA ASP B 66 1.56 7.82 16.86
C ASP B 66 1.26 6.96 15.61
N ALA B 67 2.25 6.80 14.75
CA ALA B 67 2.08 6.03 13.52
C ALA B 67 1.79 4.57 13.85
N LYS B 68 2.52 4.01 14.81
CA LYS B 68 2.25 2.64 15.24
C LYS B 68 0.84 2.47 15.80
N LYS B 69 0.37 3.44 16.58
CA LYS B 69 -0.97 3.33 17.17
C LYS B 69 -2.05 3.44 16.10
N ILE B 70 -1.84 4.33 15.13
CA ILE B 70 -2.80 4.49 14.04
C ILE B 70 -2.88 3.20 13.22
N ILE B 71 -1.73 2.61 12.89
CA ILE B 71 -1.74 1.33 12.17
C ILE B 71 -2.47 0.27 12.98
N LYS B 72 -2.12 0.14 14.26
CA LYS B 72 -2.76 -0.89 15.09
C LYS B 72 -4.27 -0.70 15.13
N SER B 73 -4.70 0.54 15.27
CA SER B 73 -6.12 0.77 15.43
C SER B 73 -6.94 0.61 14.15
N PHE B 74 -6.36 0.99 13.02
CA PHE B 74 -7.17 1.15 11.81
C PHE B 74 -6.80 0.25 10.64
N HIS B 75 -5.67 -0.44 10.73
CA HIS B 75 -5.35 -1.39 9.65
C HIS B 75 -6.42 -2.48 9.52
N GLY B 76 -6.93 -2.68 8.30
CA GLY B 76 -7.93 -3.72 8.05
C GLY B 76 -9.33 -3.32 8.40
N LYS B 77 -9.55 -2.05 8.76
CA LYS B 77 -10.88 -1.60 9.19
C LYS B 77 -11.54 -0.71 8.15
N ARG B 78 -12.87 -0.62 8.19
CA ARG B 78 -13.61 0.13 7.17
C ARG B 78 -13.63 1.64 7.42
N LEU B 79 -13.18 2.43 6.44
CA LEU B 79 -13.45 3.86 6.44
C LEU B 79 -14.94 4.08 6.18
N ASP B 80 -15.45 3.37 5.18
CA ASP B 80 -16.87 3.37 4.88
C ASP B 80 -17.20 1.98 4.38
N LEU B 81 -18.47 1.72 4.11
CA LEU B 81 -18.88 0.35 3.85
C LEU B 81 -18.24 -0.29 2.62
N LYS B 82 -17.76 0.53 1.70
CA LYS B 82 -17.15 0.01 0.48
C LYS B 82 -15.61 0.11 0.46
N HIS B 83 -15.01 0.62 1.54
CA HIS B 83 -13.57 0.86 1.58
C HIS B 83 -12.95 0.42 2.88
N ARG B 84 -12.31 -0.75 2.85
CA ARG B 84 -11.47 -1.20 3.95
C ARG B 84 -10.04 -0.68 3.73
N LEU B 85 -9.45 -0.13 4.79
CA LEU B 85 -8.11 0.46 4.70
C LEU B 85 -7.03 -0.53 5.08
N PHE B 86 -5.88 -0.38 4.42
N PHE B 86 -5.88 -0.39 4.42
CA PHE B 86 -4.71 -1.21 4.68
CA PHE B 86 -4.71 -1.21 4.69
C PHE B 86 -3.54 -0.25 4.77
C PHE B 86 -3.56 -0.24 4.79
N LEU B 87 -2.83 -0.29 5.90
CA LEU B 87 -1.79 0.70 6.17
C LEU B 87 -0.44 0.04 6.31
N TYR B 88 0.61 0.76 5.90
CA TYR B 88 1.97 0.31 6.15
C TYR B 88 2.84 1.54 6.33
N THR B 89 4.04 1.30 6.84
N THR B 89 4.06 1.30 6.79
CA THR B 89 5.02 2.32 7.14
CA THR B 89 5.01 2.35 7.11
C THR B 89 5.93 2.63 5.93
C THR B 89 5.96 2.63 5.95
N MET B 90 6.32 3.90 5.75
CA MET B 90 7.33 4.22 4.73
C MET B 90 8.69 3.57 5.00
N LYS B 91 8.93 3.18 6.25
CA LYS B 91 10.15 2.44 6.56
C LYS B 91 10.27 1.15 5.71
N ASP B 92 9.16 0.48 5.41
CA ASP B 92 9.24 -0.74 4.59
C ASP B 92 9.63 -0.43 3.14
N VAL B 93 9.21 0.73 2.65
CA VAL B 93 9.56 1.19 1.31
C VAL B 93 11.02 1.59 1.29
N GLU B 94 11.44 2.33 2.31
CA GLU B 94 12.84 2.72 2.41
C GLU B 94 13.75 1.49 2.34
N ARG B 95 13.38 0.44 3.06
CA ARG B 95 14.16 -0.79 3.05
C ARG B 95 14.19 -1.45 1.68
N TYR B 96 13.04 -1.53 1.02
CA TYR B 96 12.93 -2.20 -0.26
C TYR B 96 13.78 -1.52 -1.32
N ASN B 97 13.81 -0.19 -1.30
CA ASN B 97 14.57 0.57 -2.29
C ASN B 97 15.93 1.07 -1.82
N SER B 98 16.41 0.55 -0.69
CA SER B 98 17.63 1.06 -0.05
C SER B 98 18.90 0.88 -0.88
N ASP B 99 18.93 -0.17 -1.70
CA ASP B 99 20.10 -0.45 -2.52
C ASP B 99 20.10 0.40 -3.79
S SO4 C . -15.08 -8.07 2.14
O1 SO4 C . -15.13 -6.71 2.69
O2 SO4 C . -16.11 -8.26 1.13
O3 SO4 C . -13.77 -8.23 1.52
O4 SO4 C . -15.23 -9.04 3.22
S SO4 D . -11.30 -21.60 10.64
O1 SO4 D . -11.25 -20.14 10.47
O2 SO4 D . -10.99 -22.26 9.38
O3 SO4 D . -10.33 -22.00 11.65
O4 SO4 D . -12.64 -21.99 11.09
S SO4 E . -14.63 -2.60 11.10
O1 SO4 E . -14.63 -1.72 9.93
O2 SO4 E . -13.79 -3.75 10.69
O3 SO4 E . -13.99 -1.98 12.27
O4 SO4 E . -15.94 -3.08 11.42
S SO4 F . -7.26 20.58 2.03
O1 SO4 F . -7.90 21.85 2.45
O2 SO4 F . -7.18 20.51 0.58
O3 SO4 F . -5.90 20.52 2.61
O4 SO4 F . -8.09 19.48 2.52
#